data_8VM2
#
_entry.id   8VM2
#
_cell.length_a   75.789
_cell.length_b   55.699
_cell.length_c   149.291
_cell.angle_alpha   90.00
_cell.angle_beta   98.15
_cell.angle_gamma   90.00
#
_symmetry.space_group_name_H-M   'I 1 2 1'
#
loop_
_entity.id
_entity.type
_entity.pdbx_description
1 polymer 'GTPase NRas'
2 non-polymer "GUANOSINE-5'-TRIPHOSPHATE"
3 non-polymer 'MAGNESIUM ION'
4 non-polymer 'UNKNOWN ATOM OR ION'
5 water water
#
_entity_poly.entity_id   1
_entity_poly.type   'polypeptide(L)'
_entity_poly.pdbx_seq_one_letter_code
;MHHHHHHSSGRENLYFQGMTEYKLVVVGAGGVGKSALTIQLIQNHFVDEYDPTIEDSYRKQVVIDGETCLLDILDTAGKE
EYSAMRDQYMRTGEGFLCVFAINNSKSFADINLYREQIKRVKDSDDVPMVLVGNKCDLPTRTVDTKQAHELAKSYGIPFI
ETSAKTRQGVEDAFYTLVREIRQYRMKKLN
;
_entity_poly.pdbx_strand_id   A,B,C
#
loop_
_chem_comp.id
_chem_comp.type
_chem_comp.name
_chem_comp.formula
GTP non-polymer GUANOSINE-5'-TRIPHOSPHATE 'C10 H16 N5 O14 P3'
MG non-polymer 'MAGNESIUM ION' 'Mg 2'
UNX non-polymer 'UNKNOWN ATOM OR ION' ?
#
# COMPACT_ATOMS: atom_id res chain seq x y z
N LEU A 14 -25.47 34.75 2.23
CA LEU A 14 -26.20 33.74 1.42
C LEU A 14 -26.39 34.21 -0.04
N TYR A 15 -26.56 35.53 -0.28
CA TYR A 15 -26.92 36.04 -1.60
C TYR A 15 -25.88 37.01 -2.13
N PHE A 16 -25.69 37.04 -3.45
CA PHE A 16 -24.89 38.04 -4.14
C PHE A 16 -25.73 38.63 -5.29
N GLN A 17 -26.10 39.92 -5.20
CA GLN A 17 -27.00 40.60 -6.13
C GLN A 17 -28.29 39.78 -6.31
N GLY A 18 -28.79 39.20 -5.19
CA GLY A 18 -29.99 38.40 -5.16
C GLY A 18 -29.81 36.96 -5.69
N MET A 19 -28.62 36.56 -6.17
CA MET A 19 -28.42 35.17 -6.56
C MET A 19 -27.93 34.40 -5.33
N THR A 20 -28.27 33.11 -5.21
CA THR A 20 -27.87 32.34 -4.04
C THR A 20 -26.41 31.91 -4.26
N GLU A 21 -25.54 32.28 -3.32
CA GLU A 21 -24.14 31.94 -3.42
C GLU A 21 -23.86 30.59 -2.73
N TYR A 22 -23.09 29.75 -3.42
CA TYR A 22 -22.59 28.49 -2.88
C TYR A 22 -21.08 28.45 -3.11
N LYS A 23 -20.32 28.23 -2.03
CA LYS A 23 -18.87 28.11 -2.06
C LYS A 23 -18.48 26.62 -2.02
N LEU A 24 -18.19 26.03 -3.19
CA LEU A 24 -17.89 24.61 -3.33
C LEU A 24 -16.39 24.44 -3.37
N VAL A 25 -15.88 23.40 -2.71
CA VAL A 25 -14.46 23.12 -2.67
C VAL A 25 -14.24 21.71 -3.19
N VAL A 26 -13.33 21.52 -4.14
CA VAL A 26 -12.99 20.22 -4.70
C VAL A 26 -11.66 19.77 -4.08
N VAL A 27 -11.70 18.62 -3.40
CA VAL A 27 -10.57 18.10 -2.63
C VAL A 27 -10.32 16.65 -2.99
N GLY A 28 -9.12 16.17 -2.68
CA GLY A 28 -8.71 14.80 -2.98
C GLY A 28 -7.24 14.75 -3.41
N ALA A 29 -6.76 13.51 -3.54
CA ALA A 29 -5.35 13.24 -3.82
C ALA A 29 -4.93 13.81 -5.16
N GLY A 30 -3.61 13.92 -5.35
CA GLY A 30 -3.10 14.45 -6.63
C GLY A 30 -3.45 13.57 -7.82
N GLY A 31 -3.83 14.19 -8.95
CA GLY A 31 -4.07 13.44 -10.20
C GLY A 31 -5.42 12.76 -10.30
N VAL A 32 -6.31 12.98 -9.33
CA VAL A 32 -7.66 12.33 -9.31
C VAL A 32 -8.58 12.96 -10.38
N GLY A 33 -8.24 14.12 -10.94
CA GLY A 33 -9.18 14.80 -11.86
C GLY A 33 -9.96 15.99 -11.31
N LYS A 34 -9.59 16.53 -10.14
CA LYS A 34 -10.41 17.65 -9.60
C LYS A 34 -10.40 18.84 -10.55
N SER A 35 -9.23 19.19 -11.11
CA SER A 35 -9.15 20.30 -12.10
C SER A 35 -9.94 19.96 -13.37
N ALA A 36 -9.83 18.71 -13.85
CA ALA A 36 -10.51 18.32 -15.10
C ALA A 36 -12.01 18.40 -14.87
N LEU A 37 -12.48 17.94 -13.72
CA LEU A 37 -13.90 18.04 -13.37
C LEU A 37 -14.39 19.48 -13.36
N THR A 38 -13.65 20.34 -12.63
CA THR A 38 -13.99 21.73 -12.49
C THR A 38 -14.02 22.42 -13.85
N ILE A 39 -12.96 22.19 -14.64
CA ILE A 39 -12.86 22.80 -15.95
C ILE A 39 -13.95 22.31 -16.91
N GLN A 40 -14.33 21.02 -16.85
CA GLN A 40 -15.47 20.50 -17.58
C GLN A 40 -16.76 21.22 -17.18
N LEU A 41 -17.01 21.41 -15.87
CA LEU A 41 -18.20 22.15 -15.46
C LEU A 41 -18.19 23.62 -15.93
N ILE A 42 -17.06 24.31 -15.74
CA ILE A 42 -16.93 25.74 -16.01
C ILE A 42 -16.85 26.02 -17.51
N GLN A 43 -15.96 25.32 -18.24
CA GLN A 43 -15.57 25.62 -19.62
C GLN A 43 -16.02 24.56 -20.65
N ASN A 44 -16.63 23.43 -20.25
CA ASN A 44 -17.15 22.42 -21.19
C ASN A 44 -16.07 21.87 -22.13
N HIS A 45 -14.88 21.66 -21.56
CA HIS A 45 -13.77 21.02 -22.33
C HIS A 45 -12.98 20.10 -21.39
N PHE A 46 -12.42 19.01 -21.93
CA PHE A 46 -11.64 18.06 -21.09
C PHE A 46 -10.15 18.35 -21.20
N VAL A 47 -9.50 18.61 -20.06
CA VAL A 47 -8.02 18.83 -20.05
C VAL A 47 -7.31 17.47 -20.06
N ASP A 48 -6.46 17.24 -21.06
CA ASP A 48 -5.74 15.94 -21.20
C ASP A 48 -4.41 15.98 -20.46
N GLU A 49 -3.77 17.15 -20.43
CA GLU A 49 -2.45 17.30 -19.75
C GLU A 49 -2.63 17.31 -18.24
N TYR A 50 -1.58 16.97 -17.50
CA TYR A 50 -1.64 17.05 -16.03
C TYR A 50 -0.83 18.27 -15.56
N ASP A 51 -1.53 19.33 -15.15
CA ASP A 51 -0.86 20.54 -14.62
C ASP A 51 -1.20 20.64 -13.14
N PRO A 52 -0.34 20.20 -12.20
CA PRO A 52 -0.69 20.19 -10.78
C PRO A 52 -1.13 21.57 -10.31
N THR A 53 -2.16 21.58 -9.46
CA THR A 53 -2.78 22.81 -8.98
C THR A 53 -2.18 23.19 -7.62
N ILE A 54 -2.01 24.50 -7.41
CA ILE A 54 -1.72 25.07 -6.10
C ILE A 54 -3.07 25.44 -5.50
N GLU A 55 -3.76 26.42 -6.09
CA GLU A 55 -5.15 26.71 -5.75
C GLU A 55 -5.74 27.70 -6.74
N ASP A 56 -6.82 27.30 -7.43
CA ASP A 56 -7.49 28.11 -8.43
C ASP A 56 -8.94 28.27 -7.98
N SER A 57 -9.63 29.29 -8.51
CA SER A 57 -11.03 29.48 -8.16
C SER A 57 -11.79 29.96 -9.38
N TYR A 58 -13.06 29.57 -9.46
CA TYR A 58 -13.89 29.96 -10.60
C TYR A 58 -15.28 30.32 -10.14
N ARG A 59 -15.88 31.36 -10.74
CA ARG A 59 -17.29 31.62 -10.51
C ARG A 59 -18.12 31.33 -11.76
N LYS A 60 -19.32 30.79 -11.51
CA LYS A 60 -20.22 30.42 -12.59
C LYS A 60 -21.64 30.70 -12.14
N GLN A 61 -22.40 31.40 -12.98
CA GLN A 61 -23.83 31.57 -12.73
C GLN A 61 -24.58 30.43 -13.40
N VAL A 62 -25.41 29.72 -12.64
CA VAL A 62 -26.07 28.51 -13.13
C VAL A 62 -27.47 28.51 -12.51
N VAL A 63 -28.41 27.91 -13.22
CA VAL A 63 -29.71 27.60 -12.64
C VAL A 63 -29.72 26.13 -12.20
N ILE A 64 -30.07 25.86 -10.94
CA ILE A 64 -30.16 24.53 -10.40
C ILE A 64 -31.53 24.44 -9.76
N ASP A 65 -32.35 23.50 -10.24
CA ASP A 65 -33.73 23.34 -9.78
C ASP A 65 -34.50 24.66 -9.79
N GLY A 66 -34.32 25.47 -10.83
CA GLY A 66 -35.02 26.75 -10.95
C GLY A 66 -34.38 27.94 -10.23
N GLU A 67 -33.37 27.71 -9.36
CA GLU A 67 -32.75 28.73 -8.53
C GLU A 67 -31.55 29.26 -9.27
N THR A 68 -31.42 30.58 -9.38
CA THR A 68 -30.25 31.17 -9.99
C THR A 68 -29.18 31.25 -8.91
N CYS A 69 -28.08 30.53 -9.15
CA CYS A 69 -27.00 30.36 -8.20
C CYS A 69 -25.75 31.03 -8.73
N LEU A 70 -24.93 31.54 -7.79
CA LEU A 70 -23.57 31.92 -8.09
C LEU A 70 -22.68 30.90 -7.41
N LEU A 71 -22.08 30.02 -8.20
CA LEU A 71 -21.14 29.02 -7.70
C LEU A 71 -19.76 29.64 -7.65
N ASP A 72 -19.09 29.54 -6.49
CA ASP A 72 -17.68 29.84 -6.36
C ASP A 72 -16.99 28.53 -6.08
N ILE A 73 -16.22 28.03 -7.05
CA ILE A 73 -15.64 26.70 -6.96
C ILE A 73 -14.14 26.85 -6.70
N LEU A 74 -13.69 26.32 -5.57
CA LEU A 74 -12.28 26.32 -5.22
C LEU A 74 -11.71 24.97 -5.65
N ASP A 75 -10.70 25.01 -6.51
CA ASP A 75 -10.02 23.86 -7.07
C ASP A 75 -8.70 23.76 -6.30
N THR A 76 -8.57 22.77 -5.38
CA THR A 76 -7.47 22.72 -4.41
C THR A 76 -6.36 21.77 -4.82
N ALA A 77 -5.25 21.80 -4.07
CA ALA A 77 -4.09 20.96 -4.37
C ALA A 77 -4.27 19.57 -3.76
N GLY A 78 -4.01 18.54 -4.58
CA GLY A 78 -3.79 17.20 -4.12
C GLY A 78 -2.37 16.90 -3.65
N LYS A 79 -1.36 17.63 -4.15
CA LYS A 79 0.03 17.42 -3.74
C LYS A 79 0.24 17.92 -2.31
N GLU A 80 0.87 17.06 -1.50
CA GLU A 80 1.09 17.32 -0.08
C GLU A 80 1.91 18.60 0.15
N GLU A 81 2.79 18.96 -0.79
CA GLU A 81 3.63 20.14 -0.61
C GLU A 81 2.79 21.41 -0.39
N TYR A 82 1.52 21.43 -0.86
CA TYR A 82 0.67 22.61 -0.70
C TYR A 82 -0.31 22.49 0.47
N SER A 83 -0.05 21.60 1.43
CA SER A 83 -0.98 21.34 2.53
C SER A 83 -1.26 22.56 3.42
N ALA A 84 -0.31 23.50 3.59
CA ALA A 84 -0.51 24.63 4.49
C ALA A 84 -1.75 25.47 4.14
N MET A 85 -2.20 25.41 2.88
CA MET A 85 -3.39 26.12 2.41
C MET A 85 -4.73 25.47 2.82
N ARG A 86 -4.77 24.24 3.37
CA ARG A 86 -6.01 23.56 3.68
C ARG A 86 -6.92 24.30 4.67
N ASP A 87 -6.37 24.61 5.85
CA ASP A 87 -7.19 25.17 6.92
C ASP A 87 -8.03 26.33 6.41
N GLN A 88 -7.42 27.19 5.57
CA GLN A 88 -8.06 28.39 5.08
C GLN A 88 -9.23 28.04 4.16
N TYR A 89 -9.03 27.17 3.16
CA TYR A 89 -10.15 26.82 2.28
C TYR A 89 -11.23 26.00 3.00
N MET A 90 -10.86 25.24 4.04
CA MET A 90 -11.83 24.43 4.75
C MET A 90 -12.69 25.32 5.64
N ARG A 91 -12.11 26.41 6.16
CA ARG A 91 -12.88 27.34 6.97
C ARG A 91 -13.93 28.01 6.10
N THR A 92 -13.54 28.43 4.88
CA THR A 92 -14.44 29.22 4.05
C THR A 92 -15.38 28.34 3.22
N GLY A 93 -15.03 27.09 2.94
CA GLY A 93 -15.87 26.26 2.08
C GLY A 93 -17.21 25.90 2.74
N GLU A 94 -18.29 25.86 1.96
CA GLU A 94 -19.61 25.53 2.43
C GLU A 94 -19.99 24.10 2.10
N GLY A 95 -19.30 23.50 1.13
CA GLY A 95 -19.51 22.11 0.80
C GLY A 95 -18.28 21.62 0.05
N PHE A 96 -18.06 20.31 0.13
CA PHE A 96 -16.84 19.68 -0.36
C PHE A 96 -17.16 18.50 -1.27
N LEU A 97 -16.56 18.52 -2.47
CA LEU A 97 -16.51 17.36 -3.35
C LEU A 97 -15.25 16.60 -2.97
N CYS A 98 -15.41 15.39 -2.45
CA CYS A 98 -14.28 14.57 -2.05
C CYS A 98 -14.06 13.55 -3.18
N VAL A 99 -13.00 13.76 -3.95
CA VAL A 99 -12.79 13.08 -5.21
C VAL A 99 -11.67 12.05 -5.09
N PHE A 100 -11.94 10.83 -5.57
CA PHE A 100 -10.92 9.82 -5.81
C PHE A 100 -11.07 9.36 -7.26
N ALA A 101 -10.08 8.60 -7.73
CA ALA A 101 -10.08 8.03 -9.06
C ALA A 101 -10.30 6.52 -8.93
N ILE A 102 -11.19 5.97 -9.78
CA ILE A 102 -11.63 4.59 -9.68
C ILE A 102 -10.53 3.60 -10.06
N ASN A 103 -9.42 4.09 -10.61
CA ASN A 103 -8.24 3.26 -10.89
C ASN A 103 -7.08 3.53 -9.93
N ASN A 104 -7.35 4.13 -8.75
CA ASN A 104 -6.30 4.53 -7.82
C ASN A 104 -6.77 4.24 -6.40
N SER A 105 -6.41 3.08 -5.86
N SER A 105 -6.42 3.06 -5.89
CA SER A 105 -6.90 2.67 -4.54
CA SER A 105 -6.80 2.64 -4.54
C SER A 105 -6.35 3.56 -3.43
C SER A 105 -6.36 3.60 -3.45
N LYS A 106 -5.14 4.12 -3.62
CA LYS A 106 -4.56 5.06 -2.67
C LYS A 106 -5.43 6.32 -2.55
N SER A 107 -5.94 6.82 -3.68
CA SER A 107 -6.83 7.97 -3.66
C SER A 107 -8.10 7.68 -2.88
N PHE A 108 -8.67 6.48 -3.01
CA PHE A 108 -9.85 6.13 -2.24
C PHE A 108 -9.55 6.07 -0.74
N ALA A 109 -8.41 5.48 -0.39
CA ALA A 109 -7.93 5.46 0.99
C ALA A 109 -7.57 6.84 1.57
N ASP A 110 -7.41 7.87 0.72
CA ASP A 110 -7.11 9.22 1.14
C ASP A 110 -8.35 10.05 1.45
N ILE A 111 -9.55 9.58 1.07
CA ILE A 111 -10.77 10.35 1.22
C ILE A 111 -10.92 10.85 2.66
N ASN A 112 -10.73 9.97 3.65
CA ASN A 112 -11.03 10.35 5.01
C ASN A 112 -9.94 11.25 5.62
N LEU A 113 -8.76 11.34 5.00
CA LEU A 113 -7.79 12.33 5.42
C LEU A 113 -8.42 13.72 5.25
N TYR A 114 -9.06 13.94 4.10
CA TYR A 114 -9.74 15.20 3.81
C TYR A 114 -10.98 15.36 4.67
N ARG A 115 -11.84 14.34 4.72
CA ARG A 115 -13.09 14.42 5.46
C ARG A 115 -12.80 14.77 6.92
N GLU A 116 -11.87 14.05 7.58
CA GLU A 116 -11.66 14.32 8.99
C GLU A 116 -11.07 15.70 9.21
N GLN A 117 -10.20 16.16 8.31
CA GLN A 117 -9.63 17.51 8.42
C GLN A 117 -10.72 18.57 8.30
N ILE A 118 -11.65 18.40 7.35
CA ILE A 118 -12.78 19.34 7.19
C ILE A 118 -13.61 19.39 8.48
N LYS A 119 -13.95 18.22 9.02
CA LYS A 119 -14.75 18.14 10.24
C LYS A 119 -14.04 18.85 11.40
N ARG A 120 -12.70 18.65 11.51
CA ARG A 120 -11.90 19.25 12.59
C ARG A 120 -11.88 20.79 12.45
N VAL A 121 -11.62 21.27 11.25
CA VAL A 121 -11.51 22.70 11.01
C VAL A 121 -12.85 23.39 11.23
N LYS A 122 -13.95 22.81 10.69
CA LYS A 122 -15.26 23.41 10.77
C LYS A 122 -15.94 23.09 12.10
N ASP A 123 -15.35 22.21 12.90
CA ASP A 123 -15.86 21.78 14.19
C ASP A 123 -17.32 21.33 14.04
N SER A 124 -17.56 20.43 13.08
CA SER A 124 -18.91 20.03 12.73
C SER A 124 -18.89 18.60 12.21
N ASP A 125 -19.92 17.83 12.55
N ASP A 125 -19.94 17.83 12.55
CA ASP A 125 -20.14 16.49 12.00
CA ASP A 125 -20.18 16.49 12.05
C ASP A 125 -21.13 16.46 10.84
C ASP A 125 -21.25 16.46 10.96
N ASP A 126 -21.66 17.62 10.40
CA ASP A 126 -22.64 17.59 9.32
C ASP A 126 -22.33 18.62 8.23
N VAL A 127 -21.06 18.65 7.81
CA VAL A 127 -20.61 19.52 6.76
C VAL A 127 -21.10 18.93 5.44
N PRO A 128 -21.72 19.70 4.53
CA PRO A 128 -22.10 19.12 3.23
C PRO A 128 -20.92 18.57 2.44
N MET A 129 -21.03 17.29 2.02
CA MET A 129 -19.98 16.65 1.25
C MET A 129 -20.63 15.69 0.26
N VAL A 130 -19.93 15.45 -0.86
CA VAL A 130 -20.30 14.45 -1.86
C VAL A 130 -19.03 13.67 -2.17
N LEU A 131 -19.15 12.34 -2.23
CA LEU A 131 -18.07 11.47 -2.65
C LEU A 131 -18.17 11.32 -4.16
N VAL A 132 -17.02 11.50 -4.84
CA VAL A 132 -16.96 11.46 -6.29
C VAL A 132 -15.90 10.44 -6.69
N GLY A 133 -16.30 9.41 -7.46
CA GLY A 133 -15.37 8.45 -8.04
C GLY A 133 -15.16 8.79 -9.51
N ASN A 134 -14.04 9.43 -9.82
CA ASN A 134 -13.79 10.00 -11.13
C ASN A 134 -13.00 9.00 -11.99
N LYS A 135 -12.97 9.29 -13.29
CA LYS A 135 -12.30 8.49 -14.32
C LYS A 135 -13.06 7.19 -14.62
N CYS A 136 -14.40 7.21 -14.61
N CYS A 136 -14.40 7.24 -14.55
CA CYS A 136 -15.16 5.99 -14.81
CA CYS A 136 -15.24 6.06 -14.74
C CYS A 136 -15.23 5.54 -16.26
C CYS A 136 -15.28 5.58 -16.21
N ASP A 137 -14.75 6.38 -17.15
CA ASP A 137 -14.50 5.99 -18.53
C ASP A 137 -13.42 4.91 -18.65
N LEU A 138 -12.47 4.80 -17.70
CA LEU A 138 -11.31 3.95 -17.90
C LEU A 138 -11.71 2.48 -17.74
N PRO A 139 -11.04 1.54 -18.47
CA PRO A 139 -11.30 0.09 -18.27
C PRO A 139 -10.69 -0.47 -16.99
N THR A 140 -9.56 0.11 -16.54
CA THR A 140 -8.74 -0.44 -15.46
C THR A 140 -9.23 0.02 -14.07
N ARG A 141 -10.43 -0.41 -13.69
CA ARG A 141 -10.99 -0.03 -12.35
C ARG A 141 -10.43 -0.90 -11.22
N THR A 142 -9.97 -0.28 -10.12
CA THR A 142 -9.57 -0.98 -8.93
C THR A 142 -10.46 -0.68 -7.72
N VAL A 143 -11.31 0.36 -7.78
CA VAL A 143 -12.27 0.68 -6.74
C VAL A 143 -13.67 0.46 -7.31
N ASP A 144 -14.42 -0.50 -6.79
CA ASP A 144 -15.71 -0.87 -7.31
C ASP A 144 -16.78 0.12 -6.84
N THR A 145 -17.84 0.21 -7.65
CA THR A 145 -18.97 1.08 -7.35
C THR A 145 -19.54 0.74 -5.98
N LYS A 146 -19.76 -0.56 -5.71
CA LYS A 146 -20.44 -0.95 -4.49
C LYS A 146 -19.58 -0.58 -3.27
N GLN A 147 -18.26 -0.70 -3.35
CA GLN A 147 -17.35 -0.38 -2.26
C GLN A 147 -17.43 1.11 -1.90
N ALA A 148 -17.36 1.98 -2.92
CA ALA A 148 -17.51 3.42 -2.69
C ALA A 148 -18.90 3.80 -2.19
N HIS A 149 -19.94 3.15 -2.72
CA HIS A 149 -21.30 3.34 -2.25
C HIS A 149 -21.45 2.99 -0.78
N GLU A 150 -20.90 1.84 -0.37
CA GLU A 150 -20.98 1.43 1.03
C GLU A 150 -20.34 2.45 1.97
N LEU A 151 -19.19 3.00 1.58
CA LEU A 151 -18.57 4.07 2.36
C LEU A 151 -19.48 5.30 2.44
N ALA A 152 -19.96 5.81 1.28
CA ALA A 152 -20.79 7.01 1.27
C ALA A 152 -22.05 6.81 2.12
N LYS A 153 -22.64 5.59 2.09
CA LYS A 153 -23.79 5.27 2.89
C LYS A 153 -23.47 5.38 4.39
N SER A 154 -22.32 4.84 4.80
CA SER A 154 -21.87 4.92 6.18
C SER A 154 -21.64 6.37 6.60
N TYR A 155 -21.15 7.22 5.70
CA TYR A 155 -21.00 8.65 5.94
C TYR A 155 -22.32 9.42 5.91
N GLY A 156 -23.35 8.85 5.28
CA GLY A 156 -24.61 9.55 5.10
C GLY A 156 -24.52 10.63 4.04
N ILE A 157 -23.69 10.43 3.01
CA ILE A 157 -23.51 11.40 1.95
C ILE A 157 -23.78 10.77 0.58
N PRO A 158 -24.06 11.61 -0.46
CA PRO A 158 -24.19 11.11 -1.82
C PRO A 158 -22.87 10.61 -2.37
N PHE A 159 -22.98 9.70 -3.35
CA PHE A 159 -21.88 9.18 -4.13
C PHE A 159 -22.27 9.27 -5.60
N ILE A 160 -21.33 9.77 -6.39
CA ILE A 160 -21.52 9.98 -7.81
C ILE A 160 -20.25 9.54 -8.52
N GLU A 161 -20.43 8.72 -9.56
CA GLU A 161 -19.35 8.35 -10.47
C GLU A 161 -19.31 9.35 -11.60
N THR A 162 -18.09 9.80 -11.94
CA THR A 162 -17.91 10.83 -12.95
C THR A 162 -16.83 10.43 -13.94
N SER A 163 -16.88 11.11 -15.09
CA SER A 163 -15.76 11.11 -16.00
C SER A 163 -15.63 12.54 -16.49
N ALA A 164 -14.53 13.20 -16.13
CA ALA A 164 -14.25 14.52 -16.69
C ALA A 164 -14.09 14.43 -18.21
N LYS A 165 -13.66 13.27 -18.70
CA LYS A 165 -13.45 13.07 -20.14
C LYS A 165 -14.76 13.10 -20.89
N THR A 166 -15.72 12.25 -20.54
CA THR A 166 -16.98 12.13 -21.27
C THR A 166 -18.10 13.05 -20.74
N ARG A 167 -17.90 13.63 -19.54
N ARG A 167 -17.90 13.71 -19.57
CA ARG A 167 -18.83 14.53 -18.89
CA ARG A 167 -18.88 14.55 -18.89
C ARG A 167 -19.92 13.76 -18.12
C ARG A 167 -19.87 13.74 -18.06
N GLN A 168 -19.85 12.41 -18.10
CA GLN A 168 -20.78 11.63 -17.31
C GLN A 168 -20.70 12.07 -15.84
N GLY A 169 -21.87 12.38 -15.26
CA GLY A 169 -22.03 12.69 -13.84
C GLY A 169 -21.42 14.03 -13.38
N VAL A 170 -20.80 14.81 -14.27
CA VAL A 170 -20.07 16.00 -13.84
C VAL A 170 -21.04 17.04 -13.24
N GLU A 171 -22.10 17.41 -13.99
CA GLU A 171 -23.12 18.30 -13.45
C GLU A 171 -23.77 17.75 -12.20
N ASP A 172 -24.07 16.47 -12.25
CA ASP A 172 -24.74 15.81 -11.14
C ASP A 172 -23.93 15.92 -9.84
N ALA A 173 -22.61 15.73 -9.95
CA ALA A 173 -21.72 15.84 -8.78
C ALA A 173 -21.81 17.23 -8.16
N PHE A 174 -21.61 18.26 -8.98
CA PHE A 174 -21.59 19.64 -8.42
C PHE A 174 -23.01 20.04 -7.98
N TYR A 175 -24.02 19.68 -8.76
CA TYR A 175 -25.40 20.11 -8.44
C TYR A 175 -25.89 19.36 -7.18
N THR A 176 -25.54 18.08 -7.03
CA THR A 176 -25.91 17.36 -5.83
C THR A 176 -25.34 18.06 -4.59
N LEU A 177 -24.09 18.51 -4.67
CA LEU A 177 -23.46 19.23 -3.58
C LEU A 177 -24.26 20.48 -3.27
N VAL A 178 -24.64 21.24 -4.30
CA VAL A 178 -25.47 22.42 -4.10
C VAL A 178 -26.79 22.06 -3.40
N ARG A 179 -27.47 20.98 -3.84
CA ARG A 179 -28.71 20.53 -3.22
C ARG A 179 -28.51 20.17 -1.75
N GLU A 180 -27.37 19.55 -1.45
CA GLU A 180 -27.08 19.19 -0.06
C GLU A 180 -26.88 20.44 0.81
N ILE A 181 -26.13 21.44 0.32
CA ILE A 181 -25.95 22.71 1.02
C ILE A 181 -27.32 23.38 1.22
N ARG A 182 -28.14 23.42 0.17
CA ARG A 182 -29.46 24.04 0.23
C ARG A 182 -30.31 23.38 1.32
N GLN A 183 -30.32 22.04 1.39
CA GLN A 183 -31.05 21.26 2.39
C GLN A 183 -30.50 21.56 3.79
N TYR A 184 -29.17 21.59 3.96
CA TYR A 184 -28.52 21.97 5.20
C TYR A 184 -28.93 23.37 5.68
N ARG A 185 -28.98 24.33 4.74
CA ARG A 185 -29.41 25.68 5.05
C ARG A 185 -30.90 25.74 5.37
N MET A 186 -31.78 25.09 4.58
CA MET A 186 -33.23 25.15 4.83
C MET A 186 -33.61 24.52 6.18
N LYS A 187 -32.87 23.51 6.64
CA LYS A 187 -32.96 23.01 8.02
C LYS A 187 -32.82 24.14 9.05
N LYS A 188 -31.93 25.13 8.81
CA LYS A 188 -31.80 26.32 9.66
C LYS A 188 -32.21 27.61 8.90
N LEU B 14 17.85 -4.91 21.15
CA LEU B 14 17.21 -5.95 20.28
C LEU B 14 16.77 -7.16 21.10
N TYR B 15 17.42 -7.41 22.24
CA TYR B 15 17.28 -8.66 23.00
C TYR B 15 16.98 -8.35 24.44
N PHE B 16 16.15 -9.18 25.06
CA PHE B 16 15.85 -9.09 26.47
C PHE B 16 16.01 -10.47 27.07
N GLN B 17 17.02 -10.62 27.94
CA GLN B 17 17.31 -11.88 28.60
C GLN B 17 17.27 -13.08 27.65
N GLY B 18 17.97 -12.93 26.52
CA GLY B 18 18.10 -13.98 25.51
C GLY B 18 16.90 -14.16 24.57
N MET B 19 15.82 -13.39 24.78
CA MET B 19 14.65 -13.44 23.90
C MET B 19 14.81 -12.28 22.92
N THR B 20 14.34 -12.47 21.69
CA THR B 20 14.43 -11.37 20.72
C THR B 20 13.17 -10.51 20.91
N GLU B 21 13.37 -9.22 21.16
CA GLU B 21 12.30 -8.31 21.54
C GLU B 21 11.76 -7.57 20.30
N TYR B 22 10.43 -7.52 20.17
CA TYR B 22 9.74 -6.82 19.07
C TYR B 22 8.63 -5.98 19.68
N LYS B 23 8.58 -4.69 19.32
CA LYS B 23 7.58 -3.77 19.85
C LYS B 23 6.50 -3.61 18.77
N LEU B 24 5.39 -4.31 18.98
CA LEU B 24 4.30 -4.35 18.02
C LEU B 24 3.18 -3.44 18.49
N VAL B 25 2.48 -2.80 17.56
CA VAL B 25 1.42 -1.87 17.93
C VAL B 25 0.22 -2.22 17.04
N VAL B 26 -0.95 -2.36 17.68
CA VAL B 26 -2.17 -2.74 16.98
C VAL B 26 -3.03 -1.47 16.93
N VAL B 27 -3.38 -1.02 15.72
CA VAL B 27 -4.07 0.25 15.49
C VAL B 27 -5.24 0.00 14.54
N GLY B 28 -6.22 0.91 14.60
CA GLY B 28 -7.37 0.87 13.72
C GLY B 28 -8.60 1.39 14.45
N ALA B 29 -9.69 1.56 13.69
CA ALA B 29 -10.90 2.16 14.18
C ALA B 29 -11.51 1.35 15.34
N GLY B 30 -12.41 1.99 16.08
CA GLY B 30 -13.06 1.31 17.20
C GLY B 30 -13.89 0.10 16.81
N GLY B 31 -13.80 -0.99 17.58
CA GLY B 31 -14.67 -2.17 17.35
C GLY B 31 -14.21 -3.11 16.26
N VAL B 32 -13.05 -2.86 15.66
CA VAL B 32 -12.52 -3.70 14.54
C VAL B 32 -12.04 -5.07 15.06
N GLY B 33 -11.86 -5.23 16.38
CA GLY B 33 -11.29 -6.49 16.89
C GLY B 33 -9.83 -6.46 17.32
N LYS B 34 -9.20 -5.29 17.44
CA LYS B 34 -7.76 -5.28 17.78
C LYS B 34 -7.51 -5.94 19.15
N SER B 35 -8.33 -5.66 20.15
CA SER B 35 -8.19 -6.33 21.47
C SER B 35 -8.48 -7.83 21.34
N ALA B 36 -9.50 -8.19 20.57
CA ALA B 36 -9.86 -9.61 20.43
C ALA B 36 -8.70 -10.35 19.77
N LEU B 37 -8.11 -9.75 18.74
CA LEU B 37 -6.94 -10.35 18.07
C LEU B 37 -5.78 -10.56 19.06
N THR B 38 -5.47 -9.50 19.82
CA THR B 38 -4.37 -9.56 20.77
C THR B 38 -4.62 -10.63 21.83
N ILE B 39 -5.83 -10.64 22.42
CA ILE B 39 -6.16 -11.58 23.49
C ILE B 39 -6.20 -13.01 22.96
N GLN B 40 -6.64 -13.18 21.72
CA GLN B 40 -6.61 -14.48 21.09
C GLN B 40 -5.17 -14.99 20.96
N LEU B 41 -4.28 -14.14 20.44
CA LEU B 41 -2.88 -14.50 20.32
C LEU B 41 -2.30 -14.88 21.67
N ILE B 42 -2.53 -14.06 22.70
CA ILE B 42 -1.74 -14.24 23.91
C ILE B 42 -2.39 -15.17 24.94
N GLN B 43 -3.74 -15.14 25.06
N GLN B 43 -3.73 -15.26 24.96
CA GLN B 43 -4.53 -15.94 26.00
CA GLN B 43 -4.47 -15.98 25.98
C GLN B 43 -5.12 -17.20 25.37
C GLN B 43 -5.37 -17.06 25.38
N ASN B 44 -5.30 -17.25 24.05
CA ASN B 44 -6.03 -18.32 23.36
C ASN B 44 -7.49 -18.34 23.76
N HIS B 45 -8.07 -17.14 23.83
CA HIS B 45 -9.47 -16.97 24.28
C HIS B 45 -10.11 -15.87 23.44
N PHE B 46 -11.37 -16.06 23.05
CA PHE B 46 -12.08 -15.01 22.29
C PHE B 46 -12.90 -14.16 23.26
N VAL B 47 -12.64 -12.86 23.29
CA VAL B 47 -13.45 -11.93 24.13
C VAL B 47 -14.70 -11.55 23.32
N ASP B 48 -15.87 -11.92 23.81
CA ASP B 48 -17.14 -11.64 23.07
C ASP B 48 -17.67 -10.25 23.47
N GLU B 49 -17.37 -9.79 24.68
CA GLU B 49 -17.84 -8.47 25.14
C GLU B 49 -17.03 -7.36 24.47
N TYR B 50 -17.66 -6.20 24.26
CA TYR B 50 -16.89 -5.06 23.71
C TYR B 50 -16.55 -4.09 24.84
N ASP B 51 -15.29 -4.10 25.28
CA ASP B 51 -14.83 -3.11 26.29
C ASP B 51 -13.82 -2.20 25.60
N PRO B 52 -14.21 -0.97 25.21
CA PRO B 52 -13.31 -0.09 24.49
C PRO B 52 -11.97 0.06 25.23
N THR B 53 -10.87 0.02 24.47
CA THR B 53 -9.54 0.14 25.04
C THR B 53 -9.15 1.60 25.16
N ILE B 54 -8.44 1.91 26.25
CA ILE B 54 -7.72 3.15 26.41
C ILE B 54 -6.33 2.90 25.89
N GLU B 55 -5.59 2.00 26.59
CA GLU B 55 -4.32 1.48 26.10
C GLU B 55 -3.88 0.34 27.02
N ASP B 56 -3.64 -0.84 26.44
CA ASP B 56 -3.08 -1.96 27.19
C ASP B 56 -1.74 -2.34 26.57
N SER B 57 -0.87 -2.91 27.40
CA SER B 57 0.51 -3.22 27.02
C SER B 57 0.83 -4.61 27.52
N TYR B 58 1.21 -5.50 26.60
CA TYR B 58 1.54 -6.86 26.93
C TYR B 58 2.98 -7.17 26.60
N ARG B 59 3.59 -8.09 27.37
CA ARG B 59 4.91 -8.59 27.05
C ARG B 59 4.80 -10.10 27.01
N LYS B 60 4.72 -10.70 25.80
CA LYS B 60 4.36 -12.10 25.65
C LYS B 60 5.52 -12.88 25.03
N GLN B 61 5.89 -13.99 25.67
CA GLN B 61 6.89 -14.90 25.13
C GLN B 61 6.23 -15.84 24.14
N VAL B 62 6.75 -15.90 22.91
CA VAL B 62 6.24 -16.81 21.89
C VAL B 62 7.40 -17.23 21.02
N VAL B 63 7.34 -18.49 20.55
CA VAL B 63 8.33 -19.02 19.64
C VAL B 63 7.83 -18.79 18.21
N ILE B 64 8.60 -18.09 17.38
CA ILE B 64 8.26 -17.83 15.99
C ILE B 64 9.45 -18.26 15.14
N ASP B 65 9.23 -19.21 14.23
CA ASP B 65 10.30 -19.70 13.36
C ASP B 65 11.50 -20.18 14.19
N GLY B 66 11.22 -20.82 15.32
CA GLY B 66 12.26 -21.35 16.18
C GLY B 66 13.00 -20.32 17.04
N GLU B 67 12.61 -19.01 17.02
CA GLU B 67 13.25 -17.97 17.81
C GLU B 67 12.33 -17.63 18.97
N THR B 68 12.88 -17.56 20.20
CA THR B 68 12.10 -17.20 21.35
C THR B 68 11.99 -15.69 21.30
N CYS B 69 10.75 -15.20 21.12
CA CYS B 69 10.47 -13.78 21.00
C CYS B 69 9.73 -13.27 22.21
N LEU B 70 10.09 -12.04 22.59
CA LEU B 70 9.30 -11.28 23.54
C LEU B 70 8.53 -10.26 22.71
N LEU B 71 7.22 -10.47 22.54
CA LEU B 71 6.38 -9.50 21.82
C LEU B 71 5.85 -8.46 22.79
N ASP B 72 6.36 -7.24 22.69
CA ASP B 72 5.84 -6.13 23.47
C ASP B 72 4.67 -5.57 22.65
N ILE B 73 3.42 -5.97 22.97
CA ILE B 73 2.27 -5.63 22.15
C ILE B 73 1.52 -4.48 22.82
N LEU B 74 1.35 -3.37 22.08
CA LEU B 74 0.54 -2.25 22.51
C LEU B 74 -0.78 -2.34 21.79
N ASP B 75 -1.83 -2.58 22.57
CA ASP B 75 -3.19 -2.62 22.11
C ASP B 75 -3.79 -1.21 22.32
N THR B 76 -4.04 -0.45 21.23
CA THR B 76 -4.36 0.96 21.29
C THR B 76 -5.85 1.20 21.12
N ALA B 77 -6.25 2.44 21.41
CA ALA B 77 -7.63 2.88 21.29
C ALA B 77 -7.98 3.22 19.84
N GLY B 78 -9.08 2.64 19.37
CA GLY B 78 -9.76 3.09 18.16
C GLY B 78 -10.71 4.27 18.37
N LYS B 79 -11.27 4.45 19.57
CA LYS B 79 -12.15 5.58 19.80
C LYS B 79 -11.35 6.88 19.83
N GLU B 80 -11.86 7.87 19.08
CA GLU B 80 -11.19 9.16 18.92
C GLU B 80 -11.04 9.89 20.25
N GLU B 81 -11.95 9.65 21.20
CA GLU B 81 -11.83 10.25 22.53
C GLU B 81 -10.51 9.93 23.23
N TYR B 82 -9.84 8.82 22.85
CA TYR B 82 -8.56 8.43 23.47
C TYR B 82 -7.37 8.71 22.55
N SER B 83 -7.45 9.73 21.67
CA SER B 83 -6.45 10.01 20.64
C SER B 83 -5.15 10.62 21.15
N ALA B 84 -5.13 11.20 22.36
CA ALA B 84 -3.95 11.89 22.86
C ALA B 84 -2.71 10.99 22.99
N MET B 85 -2.91 9.68 23.16
CA MET B 85 -1.81 8.75 23.31
C MET B 85 -1.03 8.48 22.01
N ARG B 86 -1.65 8.65 20.84
CA ARG B 86 -1.02 8.18 19.56
C ARG B 86 0.46 8.46 19.38
N ASP B 87 0.89 9.73 19.43
CA ASP B 87 2.26 10.05 19.07
C ASP B 87 3.26 9.23 19.87
N GLN B 88 2.97 9.05 21.17
CA GLN B 88 3.85 8.29 22.07
C GLN B 88 3.99 6.84 21.62
N TYR B 89 2.86 6.14 21.36
CA TYR B 89 2.98 4.74 20.97
C TYR B 89 3.54 4.57 19.55
N MET B 90 3.33 5.56 18.69
CA MET B 90 3.91 5.53 17.36
C MET B 90 5.43 5.69 17.41
N ARG B 91 5.92 6.55 18.31
CA ARG B 91 7.37 6.67 18.44
C ARG B 91 7.96 5.36 18.92
N THR B 92 7.27 4.66 19.82
CA THR B 92 7.83 3.44 20.44
C THR B 92 7.72 2.22 19.53
N GLY B 93 6.67 2.14 18.72
CA GLY B 93 6.44 0.93 17.96
C GLY B 93 7.51 0.71 16.90
N GLU B 94 7.85 -0.56 16.67
CA GLU B 94 8.74 -0.97 15.60
C GLU B 94 7.95 -1.49 14.41
N GLY B 95 6.74 -2.00 14.63
CA GLY B 95 5.87 -2.46 13.55
C GLY B 95 4.42 -2.30 13.95
N PHE B 96 3.53 -2.12 12.96
CA PHE B 96 2.13 -1.77 13.19
C PHE B 96 1.22 -2.75 12.45
N LEU B 97 0.28 -3.37 13.17
CA LEU B 97 -0.87 -4.04 12.57
C LEU B 97 -1.94 -2.98 12.37
N CYS B 98 -2.31 -2.74 11.11
CA CYS B 98 -3.36 -1.76 10.81
C CYS B 98 -4.61 -2.57 10.49
N VAL B 99 -5.56 -2.56 11.43
CA VAL B 99 -6.72 -3.44 11.41
C VAL B 99 -7.98 -2.68 10.98
N PHE B 100 -8.72 -3.27 10.03
CA PHE B 100 -10.10 -2.92 9.77
C PHE B 100 -10.97 -4.17 9.91
N ALA B 101 -12.28 -3.96 9.88
CA ALA B 101 -13.22 -5.09 9.92
C ALA B 101 -13.88 -5.20 8.54
N ILE B 102 -14.13 -6.41 8.08
CA ILE B 102 -14.70 -6.66 6.71
C ILE B 102 -16.08 -6.01 6.62
N ASN B 103 -16.85 -6.01 7.70
CA ASN B 103 -18.23 -5.44 7.72
C ASN B 103 -18.24 -3.94 8.05
N ASN B 104 -17.09 -3.30 8.30
CA ASN B 104 -17.11 -1.84 8.54
C ASN B 104 -16.39 -1.10 7.40
N SER B 105 -17.13 -0.38 6.57
CA SER B 105 -16.51 0.42 5.47
C SER B 105 -15.63 1.54 6.04
N LYS B 106 -16.11 2.19 7.10
CA LYS B 106 -15.37 3.36 7.66
C LYS B 106 -14.00 2.87 8.16
N SER B 107 -13.97 1.69 8.78
CA SER B 107 -12.70 1.17 9.33
C SER B 107 -11.66 1.06 8.21
N PHE B 108 -12.10 0.59 7.04
CA PHE B 108 -11.22 0.46 5.92
C PHE B 108 -10.77 1.83 5.44
N ALA B 109 -11.70 2.81 5.43
CA ALA B 109 -11.37 4.17 5.02
C ALA B 109 -10.48 4.87 6.07
N ASP B 110 -10.37 4.31 7.28
CA ASP B 110 -9.52 4.87 8.35
C ASP B 110 -8.07 4.39 8.35
N ILE B 111 -7.72 3.39 7.56
CA ILE B 111 -6.39 2.82 7.57
C ILE B 111 -5.30 3.88 7.34
N ASN B 112 -5.48 4.71 6.30
CA ASN B 112 -4.46 5.68 5.99
C ASN B 112 -4.40 6.83 6.98
N LEU B 113 -5.44 7.07 7.81
CA LEU B 113 -5.27 8.01 8.91
C LEU B 113 -4.11 7.54 9.81
N TYR B 114 -4.11 6.24 10.10
CA TYR B 114 -3.08 5.63 10.95
C TYR B 114 -1.76 5.61 10.20
N ARG B 115 -1.75 5.12 8.96
CA ARG B 115 -0.51 4.95 8.20
C ARG B 115 0.21 6.28 8.03
N GLU B 116 -0.51 7.35 7.63
CA GLU B 116 0.12 8.64 7.44
C GLU B 116 0.66 9.18 8.75
N GLN B 117 -0.07 9.00 9.85
CA GLN B 117 0.43 9.47 11.14
C GLN B 117 1.70 8.74 11.58
N ILE B 118 1.75 7.43 11.34
CA ILE B 118 2.91 6.62 11.67
C ILE B 118 4.12 7.12 10.87
N LYS B 119 3.93 7.35 9.58
CA LYS B 119 5.00 7.85 8.74
C LYS B 119 5.51 9.23 9.20
N ARG B 120 4.58 10.12 9.59
CA ARG B 120 4.91 11.45 10.07
C ARG B 120 5.71 11.35 11.38
N VAL B 121 5.18 10.63 12.37
CA VAL B 121 5.75 10.57 13.72
C VAL B 121 7.12 9.90 13.68
N LYS B 122 7.24 8.77 12.99
CA LYS B 122 8.53 8.08 12.87
C LYS B 122 9.44 8.66 11.80
N ASP B 123 8.99 9.67 11.02
CA ASP B 123 9.76 10.32 9.97
C ASP B 123 10.41 9.27 9.06
N SER B 124 9.57 8.40 8.51
CA SER B 124 10.01 7.26 7.72
C SER B 124 8.88 6.77 6.81
N ASP B 125 9.22 6.40 5.57
CA ASP B 125 8.28 5.81 4.61
C ASP B 125 8.40 4.28 4.54
N ASP B 126 9.17 3.62 5.41
CA ASP B 126 9.28 2.18 5.28
C ASP B 126 9.09 1.47 6.63
N VAL B 127 8.20 1.99 7.47
CA VAL B 127 7.99 1.41 8.80
C VAL B 127 7.29 0.07 8.57
N PRO B 128 7.73 -1.05 9.17
CA PRO B 128 7.03 -2.33 9.03
C PRO B 128 5.54 -2.28 9.39
N MET B 129 4.68 -2.71 8.46
CA MET B 129 3.24 -2.70 8.68
C MET B 129 2.62 -3.91 8.00
N VAL B 130 1.49 -4.35 8.54
CA VAL B 130 0.61 -5.33 7.90
C VAL B 130 -0.81 -4.77 7.93
N LEU B 131 -1.55 -4.98 6.82
CA LEU B 131 -2.95 -4.67 6.76
C LEU B 131 -3.73 -5.92 7.13
N VAL B 132 -4.58 -5.80 8.16
CA VAL B 132 -5.39 -6.88 8.69
C VAL B 132 -6.87 -6.57 8.44
N GLY B 133 -7.54 -7.53 7.77
CA GLY B 133 -8.97 -7.51 7.56
C GLY B 133 -9.60 -8.57 8.47
N ASN B 134 -10.17 -8.09 9.57
CA ASN B 134 -10.68 -8.94 10.63
C ASN B 134 -12.19 -9.16 10.51
N LYS B 135 -12.67 -10.16 11.26
CA LYS B 135 -14.06 -10.58 11.33
C LYS B 135 -14.47 -11.38 10.09
N CYS B 136 -13.52 -12.12 9.49
N CYS B 136 -13.51 -12.08 9.48
CA CYS B 136 -13.79 -12.82 8.23
CA CYS B 136 -13.76 -12.83 8.24
C CYS B 136 -14.59 -14.10 8.44
C CYS B 136 -14.65 -14.05 8.45
N ASP B 137 -14.89 -14.43 9.70
CA ASP B 137 -15.90 -15.44 10.03
C ASP B 137 -17.33 -15.01 9.68
N LEU B 138 -17.61 -13.70 9.54
CA LEU B 138 -18.96 -13.21 9.36
C LEU B 138 -19.37 -13.43 7.90
N PRO B 139 -20.66 -13.72 7.60
CA PRO B 139 -21.09 -13.90 6.20
C PRO B 139 -21.12 -12.64 5.32
N THR B 140 -21.45 -11.47 5.89
CA THR B 140 -21.71 -10.26 5.11
C THR B 140 -20.47 -9.36 5.14
N ARG B 141 -19.95 -9.06 3.95
CA ARG B 141 -18.74 -8.22 3.82
C ARG B 141 -19.06 -6.92 3.09
N THR B 142 -18.90 -5.78 3.76
CA THR B 142 -19.07 -4.48 3.06
C THR B 142 -17.72 -4.06 2.47
N VAL B 143 -16.64 -4.69 2.92
CA VAL B 143 -15.31 -4.35 2.32
C VAL B 143 -14.86 -5.54 1.48
N ASP B 144 -14.58 -5.28 0.20
CA ASP B 144 -14.12 -6.34 -0.71
C ASP B 144 -12.72 -6.79 -0.30
N THR B 145 -12.49 -8.10 -0.27
CA THR B 145 -11.14 -8.64 0.03
C THR B 145 -10.15 -8.23 -1.05
N LYS B 146 -10.56 -8.28 -2.32
CA LYS B 146 -9.63 -7.97 -3.45
C LYS B 146 -9.21 -6.49 -3.37
N GLN B 147 -10.14 -5.60 -3.05
CA GLN B 147 -9.80 -4.16 -2.93
C GLN B 147 -8.81 -3.95 -1.77
N ALA B 148 -9.03 -4.65 -0.66
CA ALA B 148 -8.08 -4.56 0.46
C ALA B 148 -6.71 -5.04 -0.02
N HIS B 149 -6.68 -6.20 -0.69
CA HIS B 149 -5.42 -6.68 -1.25
C HIS B 149 -4.80 -5.66 -2.21
N GLU B 150 -5.64 -5.03 -3.01
CA GLU B 150 -5.18 -4.03 -3.96
C GLU B 150 -4.53 -2.83 -3.25
N LEU B 151 -5.15 -2.35 -2.17
CA LEU B 151 -4.56 -1.25 -1.43
C LEU B 151 -3.22 -1.70 -0.80
N ALA B 152 -3.20 -2.91 -0.22
CA ALA B 152 -1.97 -3.39 0.40
C ALA B 152 -0.84 -3.50 -0.63
N LYS B 153 -1.17 -3.99 -1.82
CA LYS B 153 -0.23 -4.02 -2.95
C LYS B 153 0.28 -2.62 -3.27
N SER B 154 -0.61 -1.61 -3.27
CA SER B 154 -0.16 -0.24 -3.53
C SER B 154 0.78 0.27 -2.45
N TYR B 155 0.52 -0.11 -1.19
CA TYR B 155 1.38 0.28 -0.09
C TYR B 155 2.69 -0.53 0.01
N GLY B 156 2.74 -1.69 -0.67
CA GLY B 156 3.86 -2.60 -0.58
C GLY B 156 3.87 -3.38 0.73
N ILE B 157 2.68 -3.74 1.26
CA ILE B 157 2.63 -4.39 2.57
C ILE B 157 1.75 -5.61 2.46
N PRO B 158 1.95 -6.61 3.35
CA PRO B 158 1.07 -7.77 3.38
C PRO B 158 -0.34 -7.45 3.83
N PHE B 159 -1.28 -8.20 3.25
CA PHE B 159 -2.66 -8.18 3.64
C PHE B 159 -3.01 -9.57 4.14
N ILE B 160 -3.56 -9.63 5.36
CA ILE B 160 -3.93 -10.89 5.99
C ILE B 160 -5.36 -10.75 6.47
N GLU B 161 -6.18 -11.73 6.08
CA GLU B 161 -7.54 -11.91 6.56
C GLU B 161 -7.54 -12.68 7.87
N THR B 162 -8.23 -12.16 8.90
CA THR B 162 -8.27 -12.80 10.20
C THR B 162 -9.68 -12.97 10.75
N SER B 163 -9.81 -13.88 11.71
CA SER B 163 -10.94 -13.92 12.63
C SER B 163 -10.38 -14.16 14.03
N ALA B 164 -10.54 -13.16 14.90
CA ALA B 164 -10.25 -13.32 16.31
C ALA B 164 -11.11 -14.43 16.92
N LYS B 165 -12.33 -14.61 16.41
CA LYS B 165 -13.26 -15.61 16.91
C LYS B 165 -12.78 -17.02 16.61
N THR B 166 -12.39 -17.33 15.36
CA THR B 166 -11.98 -18.68 14.99
C THR B 166 -10.47 -18.85 15.11
N ARG B 167 -9.70 -17.76 15.18
CA ARG B 167 -8.20 -17.82 15.18
C ARG B 167 -7.66 -17.86 13.75
N GLN B 168 -8.51 -17.96 12.73
CA GLN B 168 -7.99 -17.90 11.36
C GLN B 168 -7.09 -16.66 11.20
N GLY B 169 -5.90 -16.84 10.64
CA GLY B 169 -5.00 -15.74 10.33
C GLY B 169 -4.29 -15.07 11.50
N VAL B 170 -4.64 -15.36 12.76
CA VAL B 170 -4.20 -14.54 13.89
C VAL B 170 -2.67 -14.61 14.05
N GLU B 171 -2.12 -15.82 14.14
CA GLU B 171 -0.69 -16.00 14.18
C GLU B 171 -0.04 -15.44 12.92
N ASP B 172 -0.63 -15.65 11.75
CA ASP B 172 -0.07 -15.19 10.51
C ASP B 172 0.10 -13.68 10.54
N ALA B 173 -0.91 -12.95 11.04
CA ALA B 173 -0.83 -11.49 11.04
C ALA B 173 0.31 -11.01 11.95
N PHE B 174 0.37 -11.53 13.18
CA PHE B 174 1.40 -11.07 14.11
C PHE B 174 2.78 -11.55 13.66
N TYR B 175 2.89 -12.80 13.24
CA TYR B 175 4.20 -13.37 12.89
C TYR B 175 4.74 -12.76 11.60
N THR B 176 3.85 -12.44 10.64
CA THR B 176 4.25 -11.71 9.44
C THR B 176 4.89 -10.38 9.85
N LEU B 177 4.29 -9.64 10.79
CA LEU B 177 4.89 -8.37 11.22
C LEU B 177 6.28 -8.58 11.83
N VAL B 178 6.43 -9.56 12.70
CA VAL B 178 7.72 -9.87 13.31
C VAL B 178 8.74 -10.19 12.22
N ARG B 179 8.35 -11.00 11.23
CA ARG B 179 9.23 -11.37 10.13
C ARG B 179 9.67 -10.15 9.30
N GLU B 180 8.76 -9.19 9.14
CA GLU B 180 9.09 -7.94 8.49
C GLU B 180 10.13 -7.14 9.29
N ILE B 181 9.93 -7.05 10.60
CA ILE B 181 10.86 -6.32 11.46
C ILE B 181 12.24 -6.97 11.36
N ARG B 182 12.29 -8.30 11.40
CA ARG B 182 13.57 -9.01 11.31
C ARG B 182 14.37 -8.55 10.09
N GLN B 183 13.69 -8.50 8.94
CA GLN B 183 14.33 -8.09 7.70
C GLN B 183 14.71 -6.62 7.72
N TYR B 184 13.82 -5.77 8.24
CA TYR B 184 14.07 -4.34 8.39
C TYR B 184 15.34 -4.09 9.22
N ARG B 185 15.56 -4.89 10.25
CA ARG B 185 16.75 -4.73 11.12
C ARG B 185 18.03 -5.06 10.37
N MET B 186 17.97 -5.98 9.39
CA MET B 186 19.10 -6.29 8.51
C MET B 186 19.46 -5.14 7.57
N LYS B 187 18.44 -4.44 7.09
CA LYS B 187 18.57 -3.27 6.22
C LYS B 187 19.37 -2.19 6.94
N LYS B 188 18.95 -1.88 8.18
CA LYS B 188 19.61 -0.93 9.07
C LYS B 188 21.11 -1.23 9.18
N LEU B 189 21.48 -2.51 9.42
CA LEU B 189 22.88 -2.93 9.46
C LEU B 189 23.37 -3.15 8.01
N MET C 19 6.49 -2.23 -26.77
CA MET C 19 7.23 -1.92 -25.51
C MET C 19 8.53 -2.71 -25.45
N THR C 20 9.40 -2.26 -24.55
CA THR C 20 10.69 -2.89 -24.32
C THR C 20 10.49 -4.23 -23.59
N GLU C 21 11.22 -5.27 -24.00
CA GLU C 21 11.19 -6.56 -23.34
C GLU C 21 12.57 -6.78 -22.70
N TYR C 22 12.59 -7.16 -21.41
CA TYR C 22 13.81 -7.48 -20.68
C TYR C 22 13.74 -8.97 -20.34
N LYS C 23 14.80 -9.72 -20.66
CA LYS C 23 14.91 -11.13 -20.30
C LYS C 23 15.77 -11.26 -19.04
N LEU C 24 15.10 -11.55 -17.92
CA LEU C 24 15.73 -11.72 -16.61
C LEU C 24 15.85 -13.21 -16.33
N VAL C 25 16.96 -13.63 -15.72
CA VAL C 25 17.17 -15.02 -15.39
C VAL C 25 17.44 -15.10 -13.91
N VAL C 26 16.72 -15.99 -13.22
CA VAL C 26 16.92 -16.19 -11.79
C VAL C 26 17.74 -17.47 -11.63
N VAL C 27 18.89 -17.36 -10.98
CA VAL C 27 19.80 -18.48 -10.77
C VAL C 27 20.19 -18.57 -9.32
N GLY C 28 20.72 -19.73 -8.93
CA GLY C 28 21.13 -19.98 -7.55
C GLY C 28 20.88 -21.41 -7.15
N ALA C 29 21.41 -21.78 -5.99
CA ALA C 29 21.35 -23.15 -5.54
C ALA C 29 19.91 -23.63 -5.34
N GLY C 30 19.75 -24.95 -5.28
CA GLY C 30 18.40 -25.50 -5.02
C GLY C 30 17.83 -25.08 -3.67
N GLY C 31 16.55 -24.70 -3.63
CA GLY C 31 15.85 -24.39 -2.36
C GLY C 31 16.08 -22.98 -1.85
N VAL C 32 16.81 -22.15 -2.60
CA VAL C 32 17.09 -20.73 -2.20
C VAL C 32 15.80 -19.89 -2.26
N GLY C 33 14.78 -20.30 -3.02
CA GLY C 33 13.60 -19.44 -3.18
C GLY C 33 13.42 -18.77 -4.53
N LYS C 34 14.16 -19.20 -5.55
CA LYS C 34 14.05 -18.52 -6.86
C LYS C 34 12.62 -18.62 -7.41
N SER C 35 11.98 -19.79 -7.32
CA SER C 35 10.57 -19.91 -7.76
C SER C 35 9.64 -19.05 -6.90
N ALA C 36 9.85 -19.05 -5.58
CA ALA C 36 8.96 -18.31 -4.68
C ALA C 36 9.08 -16.82 -4.97
N LEU C 37 10.31 -16.36 -5.22
CA LEU C 37 10.51 -14.95 -5.56
C LEU C 37 9.77 -14.60 -6.85
N THR C 38 9.97 -15.43 -7.86
CA THR C 38 9.36 -15.20 -9.17
C THR C 38 7.84 -15.17 -9.09
N ILE C 39 7.25 -16.17 -8.39
CA ILE C 39 5.82 -16.28 -8.28
C ILE C 39 5.26 -15.12 -7.44
N GLN C 40 6.03 -14.66 -6.46
CA GLN C 40 5.61 -13.46 -5.75
C GLN C 40 5.50 -12.29 -6.71
N LEU C 41 6.52 -12.12 -7.56
CA LEU C 41 6.51 -11.00 -8.48
C LEU C 41 5.34 -11.10 -9.44
N ILE C 42 5.14 -12.28 -10.02
CA ILE C 42 4.19 -12.49 -11.10
C ILE C 42 2.77 -12.55 -10.54
N GLN C 43 2.55 -13.34 -9.49
CA GLN C 43 1.20 -13.69 -9.05
C GLN C 43 0.83 -13.17 -7.66
N ASN C 44 1.75 -12.55 -6.89
CA ASN C 44 1.41 -11.96 -5.60
C ASN C 44 0.88 -13.01 -4.63
N HIS C 45 1.60 -14.13 -4.56
CA HIS C 45 1.27 -15.17 -3.56
C HIS C 45 2.54 -15.94 -3.23
N PHE C 46 2.64 -16.46 -2.01
CA PHE C 46 3.86 -17.19 -1.57
C PHE C 46 3.63 -18.70 -1.68
N VAL C 47 4.51 -19.41 -2.38
CA VAL C 47 4.42 -20.89 -2.46
C VAL C 47 5.17 -21.47 -1.25
N ASP C 48 4.42 -22.05 -0.30
CA ASP C 48 5.06 -22.62 0.92
C ASP C 48 5.63 -24.01 0.61
N GLU C 49 5.08 -24.68 -0.39
CA GLU C 49 5.55 -26.04 -0.76
C GLU C 49 6.84 -25.95 -1.58
N TYR C 50 7.67 -27.00 -1.52
CA TYR C 50 8.90 -27.03 -2.35
C TYR C 50 8.65 -27.93 -3.56
N ASP C 51 8.51 -27.34 -4.75
CA ASP C 51 8.35 -28.11 -6.02
C ASP C 51 9.56 -27.81 -6.90
N PRO C 52 10.63 -28.65 -6.87
CA PRO C 52 11.83 -28.39 -7.66
C PRO C 52 11.49 -27.96 -9.10
N THR C 53 12.30 -27.06 -9.66
CA THR C 53 12.01 -26.49 -11.00
C THR C 53 12.99 -27.01 -12.04
N ILE C 54 12.52 -27.37 -13.24
CA ILE C 54 13.52 -27.68 -14.30
C ILE C 54 13.77 -26.36 -15.02
N GLU C 55 12.77 -25.79 -15.67
CA GLU C 55 12.86 -24.40 -16.20
C GLU C 55 11.44 -23.88 -16.35
N ASP C 56 11.17 -22.65 -15.94
CA ASP C 56 9.82 -22.06 -16.14
C ASP C 56 10.02 -20.63 -16.67
N SER C 57 9.06 -20.11 -17.43
CA SER C 57 9.16 -18.72 -17.94
C SER C 57 7.85 -17.99 -17.66
N TYR C 58 7.94 -16.69 -17.38
CA TYR C 58 6.72 -15.89 -17.10
C TYR C 58 6.86 -14.51 -17.70
N ARG C 59 5.84 -14.05 -18.43
CA ARG C 59 5.84 -12.68 -18.89
C ARG C 59 4.94 -11.81 -18.01
N LYS C 60 5.40 -10.59 -17.74
CA LYS C 60 4.61 -9.65 -16.97
C LYS C 60 4.87 -8.24 -17.48
N GLN C 61 3.80 -7.49 -17.69
CA GLN C 61 3.91 -6.10 -18.10
C GLN C 61 3.92 -5.24 -16.83
N VAL C 62 4.90 -4.35 -16.70
CA VAL C 62 5.10 -3.55 -15.50
C VAL C 62 5.47 -2.14 -15.95
N VAL C 63 5.36 -1.18 -15.03
CA VAL C 63 5.89 0.17 -15.21
C VAL C 63 7.06 0.37 -14.24
N ILE C 64 8.23 0.69 -14.78
CA ILE C 64 9.40 0.93 -13.96
C ILE C 64 9.93 2.32 -14.34
N ASP C 65 10.09 3.21 -13.37
CA ASP C 65 10.54 4.57 -13.62
C ASP C 65 9.77 5.22 -14.79
N GLY C 66 8.45 5.03 -14.80
CA GLY C 66 7.61 5.66 -15.83
C GLY C 66 7.71 5.02 -17.20
N GLU C 67 8.46 3.92 -17.37
CA GLU C 67 8.47 3.24 -18.68
C GLU C 67 7.76 1.90 -18.58
N THR C 68 6.78 1.68 -19.46
CA THR C 68 6.05 0.39 -19.48
C THR C 68 6.92 -0.62 -20.21
N CYS C 69 7.17 -1.76 -19.58
CA CYS C 69 8.05 -2.77 -20.22
C CYS C 69 7.48 -4.17 -20.02
N LEU C 70 7.90 -5.12 -20.86
CA LEU C 70 7.48 -6.52 -20.70
C LEU C 70 8.65 -7.30 -20.09
N LEU C 71 8.44 -7.88 -18.91
CA LEU C 71 9.51 -8.70 -18.32
C LEU C 71 9.31 -10.17 -18.73
N ASP C 72 10.38 -10.81 -19.20
CA ASP C 72 10.33 -12.26 -19.49
C ASP C 72 11.25 -12.89 -18.44
N ILE C 73 10.67 -13.52 -17.42
CA ILE C 73 11.49 -14.04 -16.32
C ILE C 73 11.65 -15.55 -16.45
N LEU C 74 12.90 -15.99 -16.56
CA LEU C 74 13.26 -17.40 -16.62
C LEU C 74 13.68 -17.87 -15.22
N ASP C 75 12.94 -18.85 -14.71
CA ASP C 75 13.10 -19.44 -13.39
C ASP C 75 13.80 -20.77 -13.63
N THR C 76 15.04 -20.93 -13.13
CA THR C 76 15.92 -22.05 -13.51
C THR C 76 16.07 -23.04 -12.38
N ALA C 77 16.64 -24.22 -12.73
CA ALA C 77 16.90 -25.28 -11.77
C ALA C 77 18.17 -24.91 -11.01
N GLY C 78 18.14 -25.06 -9.69
CA GLY C 78 19.35 -24.84 -8.89
C GLY C 78 20.37 -25.95 -9.13
N LYS C 79 19.89 -27.18 -9.22
CA LYS C 79 20.69 -28.40 -9.20
C LYS C 79 21.23 -28.75 -10.58
N GLU C 80 22.42 -29.39 -10.53
CA GLU C 80 23.26 -29.76 -11.67
C GLU C 80 22.55 -30.66 -12.67
N GLU C 81 21.62 -31.54 -12.21
CA GLU C 81 20.86 -32.49 -13.04
C GLU C 81 20.34 -31.85 -14.33
N TYR C 82 19.88 -30.59 -14.28
CA TYR C 82 19.41 -29.83 -15.45
C TYR C 82 20.33 -28.66 -15.80
N SER C 83 21.67 -28.81 -15.66
CA SER C 83 22.62 -27.72 -15.89
C SER C 83 23.18 -27.69 -17.33
N ALA C 84 22.62 -28.44 -18.30
CA ALA C 84 23.11 -28.45 -19.68
C ALA C 84 22.33 -27.45 -20.56
N MET C 85 21.05 -27.21 -20.24
CA MET C 85 20.21 -26.17 -20.85
C MET C 85 20.47 -24.77 -20.27
N ARG C 86 21.33 -24.72 -19.24
CA ARG C 86 22.00 -23.53 -18.72
C ARG C 86 22.64 -22.69 -19.80
N ASP C 87 23.41 -23.33 -20.68
CA ASP C 87 24.08 -22.65 -21.79
C ASP C 87 23.08 -21.80 -22.59
N GLN C 88 21.86 -22.32 -22.82
CA GLN C 88 20.84 -21.59 -23.59
C GLN C 88 20.35 -20.37 -22.81
N TYR C 89 19.88 -20.56 -21.57
CA TYR C 89 19.34 -19.42 -20.80
C TYR C 89 20.41 -18.39 -20.42
N MET C 90 21.66 -18.81 -20.19
CA MET C 90 22.72 -17.85 -19.94
C MET C 90 23.04 -17.02 -21.19
N ARG C 91 22.96 -17.66 -22.37
CA ARG C 91 23.19 -16.99 -23.65
C ARG C 91 22.11 -15.94 -23.86
N THR C 92 20.83 -16.31 -23.69
CA THR C 92 19.72 -15.46 -24.07
C THR C 92 19.38 -14.44 -22.96
N GLY C 93 19.66 -14.73 -21.69
CA GLY C 93 19.39 -13.81 -20.59
C GLY C 93 20.16 -12.49 -20.71
N GLU C 94 19.52 -11.38 -20.36
CA GLU C 94 20.19 -10.08 -20.35
C GLU C 94 20.65 -9.67 -18.96
N GLY C 95 19.99 -10.17 -17.90
CA GLY C 95 20.48 -9.92 -16.56
C GLY C 95 20.11 -11.06 -15.64
N PHE C 96 20.83 -11.18 -14.53
CA PHE C 96 20.80 -12.36 -13.68
C PHE C 96 20.59 -11.93 -12.23
N LEU C 97 19.52 -12.47 -11.60
CA LEU C 97 19.37 -12.43 -10.16
C LEU C 97 20.10 -13.65 -9.64
N CYS C 98 21.18 -13.40 -8.89
CA CYS C 98 21.97 -14.42 -8.24
C CYS C 98 21.50 -14.59 -6.81
N VAL C 99 20.72 -15.63 -6.55
CA VAL C 99 20.01 -15.80 -5.29
C VAL C 99 20.76 -16.80 -4.39
N PHE C 100 20.96 -16.43 -3.13
CA PHE C 100 21.26 -17.38 -2.05
C PHE C 100 20.26 -17.19 -0.91
N ALA C 101 20.28 -18.13 0.03
CA ALA C 101 19.42 -18.02 1.23
C ALA C 101 20.32 -17.70 2.43
N ILE C 102 19.89 -16.78 3.29
CA ILE C 102 20.73 -16.33 4.45
C ILE C 102 21.05 -17.50 5.39
N ASN C 103 20.17 -18.50 5.42
CA ASN C 103 20.31 -19.65 6.37
C ASN C 103 21.03 -20.81 5.67
N ASN C 104 21.65 -20.54 4.52
CA ASN C 104 22.31 -21.62 3.76
C ASN C 104 23.68 -21.11 3.31
N SER C 105 24.71 -21.42 4.10
CA SER C 105 26.08 -20.94 3.78
C SER C 105 26.56 -21.43 2.41
N LYS C 106 26.27 -22.69 2.08
CA LYS C 106 26.74 -23.25 0.79
C LYS C 106 26.11 -22.47 -0.37
N SER C 107 24.82 -22.13 -0.24
CA SER C 107 24.13 -21.34 -1.29
C SER C 107 24.93 -20.06 -1.56
N PHE C 108 25.48 -19.49 -0.49
CA PHE C 108 26.25 -18.26 -0.64
C PHE C 108 27.59 -18.54 -1.33
N ALA C 109 28.31 -19.58 -0.88
CA ALA C 109 29.54 -20.02 -1.51
C ALA C 109 29.33 -20.39 -2.99
N ASP C 110 28.13 -20.90 -3.33
CA ASP C 110 27.82 -21.25 -4.71
C ASP C 110 27.68 -20.06 -5.65
N ILE C 111 27.46 -18.85 -5.12
CA ILE C 111 27.23 -17.69 -5.97
C ILE C 111 28.36 -17.48 -6.98
N ASN C 112 29.61 -17.64 -6.52
CA ASN C 112 30.77 -17.42 -7.37
C ASN C 112 30.75 -18.32 -8.61
N LEU C 113 30.26 -19.55 -8.46
CA LEU C 113 30.19 -20.52 -9.56
C LEU C 113 29.19 -20.07 -10.62
N TYR C 114 27.98 -19.64 -10.19
CA TYR C 114 27.02 -19.08 -11.13
C TYR C 114 27.59 -17.83 -11.78
N ARG C 115 28.18 -16.92 -11.00
CA ARG C 115 28.79 -15.74 -11.60
C ARG C 115 29.82 -16.11 -12.69
N GLU C 116 30.71 -17.06 -12.41
CA GLU C 116 31.75 -17.44 -13.38
C GLU C 116 31.12 -18.08 -14.61
N GLN C 117 30.08 -18.92 -14.43
CA GLN C 117 29.43 -19.57 -15.56
C GLN C 117 28.85 -18.52 -16.51
N ILE C 118 28.19 -17.50 -15.95
CA ILE C 118 27.54 -16.48 -16.76
C ILE C 118 28.60 -15.69 -17.53
N LYS C 119 29.69 -15.29 -16.86
CA LYS C 119 30.80 -14.62 -17.54
C LYS C 119 31.37 -15.46 -18.70
N ARG C 120 31.58 -16.77 -18.47
CA ARG C 120 32.16 -17.68 -19.46
C ARG C 120 31.23 -17.80 -20.66
N VAL C 121 29.93 -18.02 -20.42
CA VAL C 121 28.94 -18.19 -21.49
C VAL C 121 28.74 -16.87 -22.25
N LYS C 122 28.63 -15.73 -21.56
CA LYS C 122 28.39 -14.45 -22.23
C LYS C 122 29.69 -13.80 -22.71
N ASP C 123 30.86 -14.41 -22.44
CA ASP C 123 32.16 -13.90 -22.84
C ASP C 123 32.27 -12.42 -22.49
N SER C 124 31.97 -12.08 -21.22
CA SER C 124 31.98 -10.69 -20.77
C SER C 124 32.22 -10.59 -19.27
N ASP C 125 32.98 -9.56 -18.89
CA ASP C 125 33.31 -9.23 -17.51
C ASP C 125 32.26 -8.29 -16.91
N ASP C 126 31.36 -7.74 -17.74
CA ASP C 126 30.29 -6.88 -17.30
C ASP C 126 29.00 -7.48 -17.86
N VAL C 127 28.24 -8.13 -16.97
CA VAL C 127 26.92 -8.69 -17.23
C VAL C 127 26.04 -8.13 -16.13
N PRO C 128 24.86 -7.54 -16.42
CA PRO C 128 23.96 -7.06 -15.35
C PRO C 128 23.60 -8.19 -14.38
N MET C 129 23.87 -7.97 -13.08
CA MET C 129 23.51 -8.90 -12.03
C MET C 129 23.16 -8.17 -10.75
N VAL C 130 22.42 -8.86 -9.88
CA VAL C 130 22.10 -8.42 -8.53
C VAL C 130 22.30 -9.62 -7.63
N LEU C 131 22.98 -9.41 -6.48
CA LEU C 131 23.06 -10.43 -5.46
C LEU C 131 21.82 -10.32 -4.58
N VAL C 132 21.07 -11.42 -4.47
CA VAL C 132 19.87 -11.44 -3.65
C VAL C 132 20.08 -12.40 -2.50
N GLY C 133 19.97 -11.88 -1.28
CA GLY C 133 19.89 -12.70 -0.09
C GLY C 133 18.43 -12.87 0.32
N ASN C 134 17.89 -14.06 0.08
CA ASN C 134 16.51 -14.40 0.34
C ASN C 134 16.33 -15.11 1.68
N LYS C 135 15.06 -15.17 2.09
CA LYS C 135 14.60 -15.77 3.34
C LYS C 135 14.97 -14.87 4.53
N CYS C 136 14.92 -13.56 4.32
CA CYS C 136 15.21 -12.58 5.35
C CYS C 136 14.11 -12.43 6.40
N ASP C 137 13.02 -13.20 6.27
CA ASP C 137 12.04 -13.38 7.32
C ASP C 137 12.55 -14.28 8.46
N LEU C 138 13.57 -15.13 8.19
CA LEU C 138 14.03 -16.15 9.12
C LEU C 138 14.99 -15.54 10.14
N PRO C 139 14.97 -16.03 11.41
CA PRO C 139 15.89 -15.53 12.45
C PRO C 139 17.34 -16.02 12.38
N THR C 140 17.63 -17.02 11.55
CA THR C 140 19.00 -17.58 11.44
C THR C 140 19.72 -16.96 10.25
N ARG C 141 20.54 -15.93 10.53
CA ARG C 141 21.39 -15.27 9.55
C ARG C 141 22.75 -15.99 9.58
N THR C 142 22.78 -17.22 9.02
CA THR C 142 24.02 -17.97 8.81
C THR C 142 25.00 -17.20 7.93
N VAL C 143 24.48 -16.44 6.98
CA VAL C 143 25.23 -15.45 6.21
C VAL C 143 24.71 -14.12 6.72
N ASP C 144 25.58 -13.23 7.22
CA ASP C 144 25.11 -11.94 7.73
C ASP C 144 25.33 -10.89 6.64
N THR C 145 24.79 -9.69 6.87
N THR C 145 24.79 -9.70 6.89
CA THR C 145 24.81 -8.63 5.86
CA THR C 145 24.80 -8.62 5.92
C THR C 145 26.25 -8.19 5.56
C THR C 145 26.23 -8.18 5.59
N LYS C 146 27.14 -8.26 6.58
CA LYS C 146 28.55 -7.93 6.38
C LYS C 146 29.18 -8.85 5.33
N GLN C 147 28.95 -10.15 5.44
CA GLN C 147 29.47 -11.09 4.44
C GLN C 147 28.89 -10.77 3.05
N ALA C 148 27.57 -10.62 2.97
CA ALA C 148 26.92 -10.43 1.66
C ALA C 148 27.35 -9.09 1.04
N HIS C 149 27.40 -8.05 1.87
CA HIS C 149 27.84 -6.73 1.40
C HIS C 149 29.26 -6.80 0.86
N GLU C 150 30.16 -7.48 1.58
N GLU C 150 30.16 -7.51 1.55
CA GLU C 150 31.53 -7.64 1.12
CA GLU C 150 31.55 -7.66 1.12
C GLU C 150 31.55 -8.34 -0.25
C GLU C 150 31.66 -8.43 -0.19
N LEU C 151 30.80 -9.43 -0.40
CA LEU C 151 30.80 -10.18 -1.66
C LEU C 151 30.31 -9.29 -2.81
N ALA C 152 29.18 -8.62 -2.60
CA ALA C 152 28.56 -7.77 -3.63
C ALA C 152 29.52 -6.65 -4.05
N LYS C 153 30.17 -6.01 -3.05
CA LYS C 153 31.20 -4.99 -3.30
C LYS C 153 32.30 -5.56 -4.20
N SER C 154 32.79 -6.75 -3.88
CA SER C 154 33.84 -7.39 -4.66
C SER C 154 33.43 -7.60 -6.12
N TYR C 155 32.13 -7.85 -6.40
CA TYR C 155 31.65 -8.02 -7.77
C TYR C 155 31.25 -6.69 -8.43
N GLY C 156 31.10 -5.61 -7.64
CA GLY C 156 30.55 -4.35 -8.13
C GLY C 156 29.04 -4.39 -8.41
N ILE C 157 28.28 -5.18 -7.64
CA ILE C 157 26.84 -5.25 -7.86
C ILE C 157 26.10 -4.92 -6.57
N PRO C 158 24.80 -4.56 -6.62
CA PRO C 158 23.99 -4.42 -5.40
C PRO C 158 23.66 -5.73 -4.71
N PHE C 159 23.60 -5.68 -3.38
CA PHE C 159 23.07 -6.72 -2.54
C PHE C 159 21.67 -6.27 -2.14
N ILE C 160 20.63 -7.08 -2.43
CA ILE C 160 19.28 -6.77 -2.01
C ILE C 160 18.75 -7.93 -1.20
N GLU C 161 18.24 -7.62 0.01
CA GLU C 161 17.61 -8.56 0.90
C GLU C 161 16.16 -8.76 0.46
N THR C 162 15.71 -10.01 0.45
CA THR C 162 14.34 -10.33 0.11
C THR C 162 13.80 -11.35 1.09
N SER C 163 12.48 -11.37 1.18
CA SER C 163 11.71 -12.49 1.65
C SER C 163 10.62 -12.73 0.63
N ALA C 164 10.65 -13.88 -0.04
CA ALA C 164 9.49 -14.33 -0.79
C ALA C 164 8.27 -14.57 0.10
N LYS C 165 8.47 -14.90 1.40
CA LYS C 165 7.36 -15.16 2.29
C LYS C 165 6.55 -13.90 2.61
N THR C 166 7.22 -12.80 3.01
CA THR C 166 6.54 -11.55 3.33
C THR C 166 6.42 -10.64 2.10
N ARG C 167 7.20 -10.91 1.02
CA ARG C 167 7.32 -10.12 -0.20
C ARG C 167 8.22 -8.90 -0.04
N GLN C 168 8.75 -8.66 1.15
CA GLN C 168 9.62 -7.52 1.37
C GLN C 168 10.89 -7.61 0.51
N GLY C 169 11.15 -6.56 -0.29
CA GLY C 169 12.34 -6.52 -1.13
C GLY C 169 12.21 -7.14 -2.53
N VAL C 170 11.10 -7.88 -2.78
CA VAL C 170 11.02 -8.67 -4.01
C VAL C 170 11.00 -7.73 -5.23
N GLU C 171 10.08 -6.78 -5.24
CA GLU C 171 10.05 -5.84 -6.38
C GLU C 171 11.37 -5.10 -6.53
N ASP C 172 11.96 -4.64 -5.42
CA ASP C 172 13.25 -3.96 -5.46
C ASP C 172 14.30 -4.81 -6.20
N ALA C 173 14.32 -6.12 -5.93
CA ALA C 173 15.34 -7.00 -6.50
C ALA C 173 15.19 -7.06 -8.02
N PHE C 174 13.97 -7.34 -8.47
CA PHE C 174 13.73 -7.49 -9.90
C PHE C 174 13.87 -6.14 -10.61
N TYR C 175 13.31 -5.08 -10.03
CA TYR C 175 13.34 -3.77 -10.68
C TYR C 175 14.75 -3.17 -10.71
N THR C 176 15.54 -3.42 -9.66
CA THR C 176 16.96 -3.04 -9.65
C THR C 176 17.66 -3.73 -10.82
N LEU C 177 17.35 -5.00 -11.08
CA LEU C 177 17.97 -5.70 -12.19
C LEU C 177 17.56 -5.10 -13.54
N VAL C 178 16.29 -4.78 -13.68
CA VAL C 178 15.81 -4.10 -14.87
C VAL C 178 16.59 -2.78 -15.10
N ARG C 179 16.76 -1.97 -14.06
CA ARG C 179 17.50 -0.70 -14.17
C ARG C 179 18.95 -0.94 -14.61
N GLU C 180 19.58 -2.01 -14.11
CA GLU C 180 20.92 -2.36 -14.56
C GLU C 180 20.94 -2.76 -16.02
N ILE C 181 19.96 -3.56 -16.47
CA ILE C 181 19.95 -3.94 -17.87
C ILE C 181 19.79 -2.67 -18.75
N ARG C 182 18.87 -1.79 -18.37
CA ARG C 182 18.65 -0.56 -19.11
C ARG C 182 19.96 0.23 -19.25
N GLN C 183 20.69 0.39 -18.13
CA GLN C 183 21.97 1.06 -18.13
C GLN C 183 22.96 0.40 -19.09
N TYR C 184 23.09 -0.91 -19.00
CA TYR C 184 23.98 -1.70 -19.83
C TYR C 184 23.64 -1.54 -21.30
N ARG C 185 22.35 -1.63 -21.62
CA ARG C 185 21.93 -1.55 -23.00
C ARG C 185 22.27 -0.19 -23.61
N MET C 186 22.03 0.89 -22.87
CA MET C 186 22.20 2.24 -23.37
C MET C 186 23.68 2.57 -23.58
N LYS C 187 24.60 1.97 -22.80
CA LYS C 187 26.00 2.33 -22.81
C LYS C 187 26.87 1.41 -23.65
N LYS C 188 26.28 0.38 -24.24
CA LYS C 188 27.09 -0.62 -25.00
C LYS C 188 27.75 0.05 -26.21
N LEU C 189 28.92 -0.43 -26.63
CA LEU C 189 29.60 0.10 -27.81
C LEU C 189 29.02 -0.46 -29.12
PG GTP D . -3.76 18.10 -8.58
O1G GTP D . -4.32 17.76 -7.22
O2G GTP D . -2.28 17.83 -8.66
O3G GTP D . -4.12 19.49 -9.02
O3B GTP D . -4.48 17.10 -9.63
PB GTP D . -6.01 17.00 -10.10
O1B GTP D . -6.52 18.36 -10.35
O2B GTP D . -6.73 16.08 -9.20
O3A GTP D . -5.86 16.27 -11.52
PA GTP D . -6.16 16.75 -13.02
O1A GTP D . -7.52 17.32 -13.08
O2A GTP D . -5.02 17.58 -13.46
O5' GTP D . -6.15 15.34 -13.78
C5' GTP D . -4.90 14.62 -13.78
C4' GTP D . -4.82 13.77 -15.03
O4' GTP D . -5.93 12.87 -15.07
C3' GTP D . -4.84 14.56 -16.35
O3' GTP D . -3.94 13.97 -17.29
C2' GTP D . -6.30 14.43 -16.80
O2' GTP D . -6.44 14.49 -18.21
C1' GTP D . -6.65 13.02 -16.29
N9 GTP D . -8.08 12.86 -16.03
C8 GTP D . -8.83 13.63 -15.17
N7 GTP D . -10.09 13.26 -15.12
C5 GTP D . -10.16 12.18 -15.99
C6 GTP D . -11.28 11.38 -16.35
O6 GTP D . -12.44 11.46 -15.95
N1 GTP D . -10.92 10.39 -17.27
C2 GTP D . -9.66 10.20 -17.78
N2 GTP D . -9.51 9.21 -18.66
N3 GTP D . -8.61 10.96 -17.45
C4 GTP D . -8.94 11.92 -16.56
MG MG E . -5.66 20.23 -10.10
PG GTP F . 3.07 9.27 -2.25
PG GTP F . 1.68 8.26 0.20
O1G GTP F . 2.21 10.44 -2.68
O1G GTP F . 0.22 7.98 -0.08
O2G GTP F . 4.55 9.51 -2.43
O2G GTP F . 2.54 7.04 -0.02
O3G GTP F . 2.61 7.96 -2.84
O3G GTP F . 1.88 8.89 1.56
O3B GTP F . 2.86 9.13 -0.65
O3B GTP F . 2.17 9.38 -0.86
PB GTP F . 1.79 8.31 0.21
PB GTP F . 1.94 9.58 -2.42
O1B GTP F . 2.01 6.86 -0.01
O1B GTP F . 1.92 8.25 -3.07
O2B GTP F . 1.80 8.85 1.58
O2B GTP F . 2.89 10.61 -2.89
O3A GTP F . 0.43 8.75 -0.50
O3A GTP F . 0.47 10.24 -2.44
PA GTP F . -1.12 8.50 -0.19
PA GTP F . -1.01 9.66 -2.61
O1A GTP F . -1.24 7.29 0.66
O1A GTP F . -0.96 8.21 -2.90
O2A GTP F . -1.84 8.55 -1.48
O2A GTP F . -1.76 10.50 -3.58
O5' GTP F . -1.48 9.79 0.68
O5' GTP F . -1.59 9.88 -1.14
C5' GTP F . -0.80 11.02 0.34
C5' GTP F . -1.04 10.97 -0.37
C4' GTP F . -1.79 12.05 -0.11
C4' GTP F . -1.98 12.16 -0.44
O4' GTP F . -2.90 12.09 0.81
O4' GTP F . -2.89 12.12 0.67
C3' GTP F . -1.26 13.50 -0.16
C3' GTP F . -1.32 13.53 -0.34
O3' GTP F . -0.71 13.77 -1.44
O3' GTP F . -0.77 13.93 -1.59
C2' GTP F . -2.51 14.33 0.13
C2' GTP F . -2.51 14.39 0.08
O2' GTP F . -3.30 14.51 -1.03
O2' GTP F . -3.34 14.71 -1.02
C1' GTP F . -3.25 13.44 1.13
C1' GTP F . -3.25 13.45 1.03
N9 GTP F . -2.89 13.69 2.53
N9 GTP F . -2.91 13.67 2.43
C8 GTP F . -1.80 13.23 3.21
C8 GTP F . -1.82 13.19 3.11
N7 GTP F . -1.77 13.61 4.47
N7 GTP F . -1.78 13.55 4.37
C5 GTP F . -2.91 14.38 4.61
C5 GTP F . -2.93 14.32 4.53
C6 GTP F . -3.42 15.05 5.75
C6 GTP F . -3.42 14.98 5.68
O6 GTP F . -2.92 15.11 6.89
O6 GTP F . -2.93 15.02 6.82
N1 GTP F . -4.61 15.71 5.47
N1 GTP F . -4.62 15.65 5.41
C2 GTP F . -5.25 15.71 4.26
C2 GTP F . -5.26 15.68 4.20
N2 GTP F . -6.40 16.40 4.19
N2 GTP F . -6.40 16.37 4.14
N3 GTP F . -4.79 15.08 3.19
N3 GTP F . -4.79 15.06 3.11
C4 GTP F . -3.62 14.43 3.43
C4 GTP F . -3.63 14.41 3.36
UNK UNX G . -24.20 19.07 13.89
PG GTP H . -11.43 -0.40 20.63
O1G GTP H . -12.61 0.40 21.14
O2G GTP H . -10.57 -0.92 21.76
O3G GTP H . -10.62 0.36 19.61
O3B GTP H . -12.01 -1.70 19.87
PB GTP H . -11.30 -3.04 19.37
O1B GTP H . -10.91 -2.88 17.95
O2B GTP H . -10.28 -3.44 20.36
O3A GTP H . -12.49 -4.11 19.43
PA GTP H . -12.66 -5.47 20.25
O1A GTP H . -11.44 -6.29 20.10
O2A GTP H . -13.11 -5.12 21.62
O5' GTP H . -13.86 -6.15 19.44
C5' GTP H . -15.09 -5.41 19.38
C4' GTP H . -16.24 -6.37 19.26
O4' GTP H . -16.11 -7.14 18.04
C3' GTP H . -16.37 -7.39 20.39
O3' GTP H . -17.73 -7.62 20.71
C2' GTP H . -15.70 -8.64 19.81
O2' GTP H . -16.22 -9.84 20.36
C1' GTP H . -16.07 -8.53 18.34
N9 GTP H . -15.08 -9.16 17.46
C8 GTP H . -13.74 -8.88 17.42
N7 GTP H . -13.08 -9.61 16.54
C5 GTP H . -14.06 -10.40 15.97
C6 GTP H . -13.95 -11.38 14.94
O6 GTP H . -12.94 -11.74 14.34
N1 GTP H . -15.19 -11.94 14.65
C2 GTP H . -16.38 -11.62 15.26
N2 GTP H . -17.47 -12.28 14.84
N3 GTP H . -16.49 -10.70 16.22
C4 GTP H . -15.29 -10.14 16.52
MG MG I . -9.66 -2.67 22.15
PG GTP J . -17.96 8.39 14.50
PG GTP J . -17.89 8.39 14.49
O1G GTP J . -18.78 7.68 13.44
O1G GTP J . -18.71 7.71 13.42
O2G GTP J . -17.10 7.46 15.30
O2G GTP J . -17.03 7.42 15.27
O3G GTP J . -18.79 9.32 15.36
O3G GTP J . -18.72 9.29 15.38
O3B GTP J . -16.93 9.35 13.69
O3B GTP J . -16.84 9.37 13.73
PB GTP J . -16.49 9.41 12.16
PB GTP J . -16.31 9.42 12.22
O1B GTP J . -17.69 9.54 11.31
O1B GTP J . -17.48 9.39 11.31
O2B GTP J . -15.40 10.39 12.04
O2B GTP J . -15.34 10.54 12.12
O3A GTP J . -15.90 7.93 11.94
O3A GTP J . -15.50 8.05 12.13
PA GTP J . -14.56 7.43 11.25
PA GTP J . -14.55 7.42 11.02
O1A GTP J . -14.54 5.94 11.33
O1A GTP J . -14.60 5.94 11.16
O2A GTP J . -14.39 8.09 9.94
O2A GTP J . -14.85 8.02 9.70
O5' GTP J . -13.56 8.05 12.34
O5' GTP J . -13.12 7.93 11.50
C5' GTP J . -12.17 8.08 11.98
C5' GTP J . -12.96 8.15 12.92
C4' GTP J . -11.40 7.14 12.89
C4' GTP J . -11.91 7.21 13.47
O4' GTP J . -10.04 7.07 12.41
O4' GTP J . -10.73 7.30 12.64
C3' GTP J . -11.29 7.58 14.35
C3' GTP J . -11.46 7.50 14.89
O3' GTP J . -12.36 7.07 15.13
O3' GTP J . -12.27 6.81 15.82
C2' GTP J . -9.95 6.97 14.79
C2' GTP J . -10.02 6.98 14.88
O2' GTP J . -10.09 5.63 15.21
O2' GTP J . -9.95 5.59 15.06
C1' GTP J . -9.13 7.01 13.50
C1' GTP J . -9.57 7.37 13.47
N9 GTP J . -8.17 8.11 13.38
N9 GTP J . -9.01 8.71 13.37
C8 GTP J . -6.82 7.97 13.31
C8 GTP J . -9.69 9.90 13.31
N7 GTP J . -6.17 9.11 13.21
N7 GTP J . -8.91 10.95 13.20
C5 GTP J . -7.19 10.06 13.20
C5 GTP J . -7.63 10.42 13.19
C6 GTP J . -7.10 11.48 13.10
C6 GTP J . -6.37 11.07 13.11
O6 GTP J . -6.08 12.17 13.00
O6 GTP J . -6.15 12.29 13.01
N1 GTP J . -8.37 12.05 13.13
N1 GTP J . -5.32 10.16 13.13
C2 GTP J . -9.56 11.39 13.24
C2 GTP J . -5.45 8.80 13.23
N2 GTP J . -10.67 12.13 13.25
N2 GTP J . -4.32 8.09 13.24
N3 GTP J . -9.64 10.06 13.33
N3 GTP J . -6.63 8.17 13.31
C4 GTP J . -8.42 9.47 13.30
C4 GTP J . -7.67 9.05 13.29
PG GTP K . 14.84 -25.17 -7.21
O1G GTP K . 14.96 -26.61 -6.76
O2G GTP K . 13.69 -24.93 -8.15
O3G GTP K . 16.15 -24.61 -7.73
O3B GTP K . 14.50 -24.31 -5.87
PB GTP K . 14.06 -22.79 -5.67
O1B GTP K . 15.27 -21.98 -5.41
O2B GTP K . 13.15 -22.39 -6.77
O3A GTP K . 13.20 -22.89 -4.33
PA GTP K . 11.67 -22.57 -4.02
O1A GTP K . 11.34 -21.22 -4.56
O2A GTP K . 10.83 -23.72 -4.44
O5' GTP K . 11.72 -22.49 -2.43
C5' GTP K . 12.12 -23.68 -1.74
C4' GTP K . 11.47 -23.73 -0.38
O4' GTP K . 11.85 -22.55 0.37
C3' GTP K . 9.92 -23.73 -0.39
O3' GTP K . 9.42 -24.55 0.65
C2' GTP K . 9.58 -22.26 -0.16
O2' GTP K . 8.33 -22.07 0.45
C1' GTP K . 10.71 -21.82 0.77
N9 GTP K . 11.00 -20.40 0.67
C8 GTP K . 11.26 -19.69 -0.48
N7 GTP K . 11.49 -18.42 -0.27
C5 GTP K . 11.37 -18.27 1.11
C6 GTP K . 11.51 -17.12 1.91
O6 GTP K . 11.78 -15.97 1.55
N1 GTP K . 11.31 -17.41 3.25
C2 GTP K . 11.00 -18.65 3.76
N2 GTP K . 10.84 -18.73 5.09
N3 GTP K . 10.87 -19.74 3.01
C4 GTP K . 11.07 -19.47 1.70
MG MG L . 12.38 -23.43 -8.35
UNK UNX M . 15.93 0.61 -22.87
#